data_8JZC
#
_entry.id   8JZC
#
_cell.length_a   78.514
_cell.length_b   78.514
_cell.length_c   88.055
_cell.angle_alpha   90.000
_cell.angle_beta   90.000
_cell.angle_gamma   120.000
#
_symmetry.space_group_name_H-M   'P 31 2 1'
#
_entity_poly.entity_id   1
_entity_poly.type   'polypeptide(L)'
_entity_poly.pdbx_seq_one_letter_code
;GSAKDPMNSEQQQTVFLCVSYLLSYPDEQWAESLPDCLDAIRSLDDETVRAPLLAVAEQLAITPARERMEQYVETFDFGK
KTNLYLTYMTNGEQRERGIELVALKARYEAAGFAVSDHELPDYLPLMLEWMAYADQEHTTALLADYAGHIREIGDRLAAA
GSPYAQLFDALNHTFTQLGVTPLPKGGATAWPANFSG
;
_entity_poly.pdbx_strand_id   A
#
# COMPACT_ATOMS: atom_id res chain seq x y z
N ASN A 8 0.99 -3.95 18.50
CA ASN A 8 1.79 -2.77 18.84
C ASN A 8 1.80 -1.77 17.68
N SER A 9 2.27 -0.56 17.97
CA SER A 9 2.38 0.45 16.92
C SER A 9 3.50 0.13 15.95
N GLU A 10 4.68 -0.24 16.46
CA GLU A 10 5.81 -0.46 15.57
C GLU A 10 5.56 -1.65 14.65
N GLN A 11 4.74 -2.62 15.07
CA GLN A 11 4.35 -3.67 14.14
C GLN A 11 3.49 -3.11 13.01
N GLN A 12 2.59 -2.18 13.31
CA GLN A 12 1.81 -1.57 12.25
C GLN A 12 2.69 -0.77 11.30
N GLN A 13 3.61 0.02 11.84
CA GLN A 13 4.60 0.69 10.99
C GLN A 13 5.28 -0.30 10.06
N THR A 14 5.65 -1.47 10.58
CA THR A 14 6.30 -2.48 9.77
C THR A 14 5.39 -2.96 8.64
N VAL A 15 4.10 -3.18 8.95
CA VAL A 15 3.15 -3.60 7.91
C VAL A 15 3.06 -2.55 6.82
N PHE A 16 2.98 -1.27 7.21
CA PHE A 16 2.85 -0.21 6.22
C PHE A 16 4.07 -0.12 5.33
N LEU A 17 5.26 -0.18 5.92
CA LEU A 17 6.49 -0.09 5.12
C LEU A 17 6.59 -1.26 4.15
N CYS A 18 6.32 -2.47 4.63
CA CYS A 18 6.53 -3.66 3.81
C CYS A 18 5.50 -3.75 2.69
N VAL A 19 4.24 -3.44 2.98
CA VAL A 19 3.24 -3.44 1.92
C VAL A 19 3.54 -2.33 0.91
N SER A 20 3.86 -1.13 1.39
CA SER A 20 4.23 -0.03 0.50
C SER A 20 5.33 -0.46 -0.46
N TYR A 21 6.35 -1.16 0.06
CA TYR A 21 7.44 -1.65 -0.77
C TYR A 21 6.99 -2.76 -1.70
N LEU A 22 6.13 -3.65 -1.22
CA LEU A 22 5.70 -4.76 -2.08
C LEU A 22 4.70 -4.35 -3.14
N LEU A 23 4.11 -3.16 -3.02
CA LEU A 23 3.24 -2.62 -4.06
C LEU A 23 4.01 -1.75 -5.05
N SER A 24 5.32 -1.63 -4.90
CA SER A 24 6.10 -0.81 -5.82
C SER A 24 6.54 -1.63 -7.03
N TYR A 25 6.85 -0.92 -8.11
CA TYR A 25 7.34 -1.53 -9.33
C TYR A 25 8.53 -2.45 -9.04
N PRO A 26 8.46 -3.73 -9.36
CA PRO A 26 9.47 -4.70 -8.88
C PRO A 26 10.64 -4.91 -9.84
N ASP A 27 11.33 -3.83 -10.20
CA ASP A 27 12.48 -3.95 -11.08
C ASP A 27 13.68 -4.54 -10.32
N GLU A 28 14.87 -4.47 -10.91
CA GLU A 28 16.04 -5.07 -10.29
C GLU A 28 16.49 -4.28 -9.08
N GLN A 29 16.47 -2.95 -9.17
CA GLN A 29 16.84 -2.12 -8.02
C GLN A 29 15.90 -2.37 -6.84
N TRP A 30 14.62 -2.60 -7.12
CA TRP A 30 13.67 -2.93 -6.07
C TRP A 30 14.06 -4.21 -5.35
N ALA A 31 14.51 -5.22 -6.12
CA ALA A 31 14.84 -6.52 -5.56
C ALA A 31 16.01 -6.48 -4.59
N GLU A 32 16.82 -5.42 -4.65
CA GLU A 32 17.94 -5.32 -3.73
C GLU A 32 17.50 -5.21 -2.28
N SER A 33 16.27 -4.77 -2.05
CA SER A 33 15.71 -4.64 -0.71
C SER A 33 14.82 -5.80 -0.32
N LEU A 34 14.61 -6.77 -1.21
CA LEU A 34 13.75 -7.90 -0.88
C LEU A 34 14.31 -8.76 0.25
N PRO A 35 15.61 -9.06 0.32
CA PRO A 35 16.10 -9.77 1.52
C PRO A 35 15.78 -9.02 2.80
N ASP A 36 16.07 -7.71 2.87
CA ASP A 36 15.73 -6.95 4.06
C ASP A 36 14.23 -6.97 4.32
N CYS A 37 13.43 -6.88 3.27
CA CYS A 37 11.99 -6.93 3.44
C CYS A 37 11.55 -8.29 3.97
N LEU A 38 12.15 -9.36 3.47
CA LEU A 38 11.81 -10.69 3.95
C LEU A 38 12.13 -10.86 5.44
N ASP A 39 13.25 -10.28 5.89
CA ASP A 39 13.55 -10.32 7.32
C ASP A 39 12.55 -9.48 8.11
N ALA A 40 12.25 -8.28 7.61
CA ALA A 40 11.33 -7.40 8.32
C ALA A 40 9.98 -8.08 8.53
N ILE A 41 9.47 -8.73 7.48
CA ILE A 41 8.20 -9.44 7.57
C ILE A 41 8.26 -10.51 8.65
N ARG A 42 9.37 -11.25 8.71
CA ARG A 42 9.47 -12.38 9.62
C ARG A 42 9.53 -11.94 11.08
N SER A 43 9.69 -10.66 11.36
CA SER A 43 9.62 -10.17 12.72
C SER A 43 8.21 -9.86 13.18
N LEU A 44 7.22 -9.99 12.30
CA LEU A 44 5.84 -9.71 12.69
C LEU A 44 5.30 -10.87 13.54
N ASP A 45 4.69 -10.53 14.66
CA ASP A 45 4.13 -11.55 15.54
C ASP A 45 2.80 -12.06 15.02
N ASP A 46 1.91 -11.16 14.62
CA ASP A 46 0.56 -11.53 14.22
C ASP A 46 0.61 -12.30 12.90
N GLU A 47 0.19 -13.56 12.94
CA GLU A 47 0.18 -14.37 11.73
C GLU A 47 -0.80 -13.85 10.68
N THR A 48 -1.86 -13.16 11.11
CA THR A 48 -2.87 -12.67 10.18
C THR A 48 -2.30 -11.72 9.15
N VAL A 49 -1.30 -10.92 9.53
CA VAL A 49 -0.64 -10.03 8.58
C VAL A 49 0.73 -10.56 8.15
N ARG A 50 1.33 -11.45 8.93
CA ARG A 50 2.65 -11.96 8.60
C ARG A 50 2.59 -12.94 7.43
N ALA A 51 1.68 -13.91 7.51
CA ALA A 51 1.60 -14.93 6.47
C ALA A 51 1.32 -14.36 5.09
N PRO A 52 0.31 -13.52 4.88
CA PRO A 52 0.07 -13.02 3.50
C PRO A 52 1.20 -12.14 2.99
N LEU A 53 1.76 -11.28 3.84
CA LEU A 53 2.95 -10.53 3.44
C LEU A 53 4.09 -11.46 3.05
N LEU A 54 4.29 -12.53 3.82
CA LEU A 54 5.37 -13.46 3.52
C LEU A 54 5.11 -14.20 2.22
N ALA A 55 3.86 -14.62 2.00
CA ALA A 55 3.54 -15.34 0.77
C ALA A 55 3.88 -14.51 -0.45
N VAL A 56 3.53 -13.23 -0.43
CA VAL A 56 3.76 -12.37 -1.61
C VAL A 56 5.26 -12.16 -1.82
N ALA A 57 5.97 -11.75 -0.76
CA ALA A 57 7.40 -11.49 -0.89
C ALA A 57 8.15 -12.74 -1.36
N GLU A 58 7.76 -13.92 -0.87
CA GLU A 58 8.49 -15.13 -1.23
C GLU A 58 8.21 -15.55 -2.66
N GLN A 59 6.97 -15.35 -3.12
CA GLN A 59 6.64 -15.63 -4.51
C GLN A 59 7.44 -14.73 -5.44
N LEU A 60 7.53 -13.44 -5.09
CA LEU A 60 8.28 -12.51 -5.94
C LEU A 60 9.76 -12.87 -5.97
N ALA A 61 10.29 -13.38 -4.86
CA ALA A 61 11.73 -13.68 -4.79
C ALA A 61 12.15 -14.79 -5.76
N ILE A 62 11.22 -15.65 -6.19
CA ILE A 62 11.55 -16.72 -7.12
C ILE A 62 11.09 -16.40 -8.53
N THR A 63 10.61 -15.19 -8.78
CA THR A 63 10.06 -14.80 -10.06
C THR A 63 11.04 -13.92 -10.81
N PRO A 64 11.35 -14.22 -12.07
CA PRO A 64 12.30 -13.37 -12.82
C PRO A 64 11.79 -11.94 -12.90
N ALA A 65 12.73 -11.00 -12.88
CA ALA A 65 12.39 -9.58 -12.89
C ALA A 65 11.47 -9.24 -14.06
N ARG A 66 11.78 -9.77 -15.25
CA ARG A 66 10.94 -9.49 -16.40
C ARG A 66 9.49 -9.88 -16.16
N GLU A 67 9.26 -10.99 -15.46
CA GLU A 67 7.89 -11.41 -15.20
C GLU A 67 7.25 -10.66 -14.04
N ARG A 68 8.04 -10.27 -13.03
CA ARG A 68 7.48 -9.42 -11.98
C ARG A 68 6.98 -8.11 -12.56
N MET A 69 7.76 -7.52 -13.47
CA MET A 69 7.40 -6.24 -14.03
C MET A 69 6.25 -6.37 -15.03
N GLU A 70 6.23 -7.45 -15.80
CA GLU A 70 5.12 -7.71 -16.69
C GLU A 70 3.81 -7.81 -15.93
N GLN A 71 3.77 -8.69 -14.92
CA GLN A 71 2.53 -8.88 -14.18
C GLN A 71 2.14 -7.63 -13.44
N TYR A 72 3.13 -6.86 -12.96
CA TYR A 72 2.84 -5.62 -12.27
C TYR A 72 2.09 -4.64 -13.18
N VAL A 73 2.59 -4.46 -14.41
CA VAL A 73 1.98 -3.53 -15.34
C VAL A 73 0.60 -4.01 -15.76
N GLU A 74 0.47 -5.31 -16.03
CA GLU A 74 -0.83 -5.85 -16.43
C GLU A 74 -1.82 -5.95 -15.26
N THR A 75 -1.35 -5.83 -14.02
CA THR A 75 -2.24 -5.82 -12.87
C THR A 75 -2.64 -4.42 -12.43
N PHE A 76 -1.70 -3.48 -12.45
CA PHE A 76 -1.89 -2.14 -11.91
C PHE A 76 -1.89 -1.08 -13.00
N ASP A 77 -2.25 -1.45 -14.22
CA ASP A 77 -2.23 -0.51 -15.33
C ASP A 77 -3.15 0.67 -15.04
N PHE A 78 -2.72 1.85 -15.48
CA PHE A 78 -3.53 3.06 -15.31
C PHE A 78 -4.94 2.87 -15.87
N GLY A 79 -5.09 1.99 -16.87
CA GLY A 79 -6.41 1.75 -17.44
C GLY A 79 -7.32 0.91 -16.57
N LYS A 80 -6.77 0.00 -15.77
CA LYS A 80 -7.60 -0.86 -14.95
C LYS A 80 -8.07 -0.13 -13.70
N LYS A 81 -9.11 -0.67 -13.07
CA LYS A 81 -9.64 -0.09 -11.84
C LYS A 81 -8.77 -0.42 -10.63
N THR A 82 -7.76 -1.25 -10.79
CA THR A 82 -6.87 -1.62 -9.70
C THR A 82 -5.64 -0.73 -9.62
N ASN A 83 -5.56 0.33 -10.42
CA ASN A 83 -4.42 1.23 -10.34
C ASN A 83 -4.31 1.79 -8.92
N LEU A 84 -3.07 2.07 -8.52
CA LEU A 84 -2.78 2.40 -7.13
C LEU A 84 -2.97 3.89 -6.81
N TYR A 85 -3.59 4.66 -7.70
CA TYR A 85 -3.92 6.05 -7.43
C TYR A 85 -5.38 6.15 -7.01
N LEU A 86 -5.62 6.60 -5.78
CA LEU A 86 -6.94 6.48 -5.18
C LEU A 86 -7.92 7.51 -5.74
N THR A 87 -7.45 8.69 -6.17
CA THR A 87 -8.42 9.66 -6.68
C THR A 87 -8.99 9.29 -8.03
N TYR A 88 -8.50 8.23 -8.68
CA TYR A 88 -9.15 7.83 -9.92
C TYR A 88 -10.45 7.06 -9.69
N MET A 89 -10.80 6.80 -8.42
CA MET A 89 -12.06 6.16 -8.08
C MET A 89 -12.89 7.05 -7.15
N GLU A 93 -12.74 13.99 -15.46
CA GLU A 93 -12.98 14.45 -14.10
C GLU A 93 -11.67 14.93 -13.46
N GLN A 94 -10.80 15.48 -14.31
CA GLN A 94 -9.47 15.88 -13.85
C GLN A 94 -9.53 16.97 -12.79
N ARG A 95 -10.40 17.96 -12.97
CA ARG A 95 -10.48 19.10 -12.05
C ARG A 95 -10.84 18.66 -10.64
N GLU A 96 -11.87 17.82 -10.50
CA GLU A 96 -12.24 17.32 -9.18
C GLU A 96 -11.11 16.49 -8.57
N ARG A 97 -10.47 15.64 -9.39
CA ARG A 97 -9.28 14.92 -8.94
C ARG A 97 -8.25 15.88 -8.36
N GLY A 98 -7.92 16.94 -9.11
CA GLY A 98 -6.93 17.89 -8.65
C GLY A 98 -7.32 18.59 -7.36
N ILE A 99 -8.61 18.89 -7.20
CA ILE A 99 -9.07 19.49 -5.95
C ILE A 99 -8.84 18.53 -4.79
N GLU A 100 -9.21 17.26 -4.97
CA GLU A 100 -8.94 16.27 -3.94
C GLU A 100 -7.45 16.18 -3.65
N LEU A 101 -6.61 16.21 -4.70
CA LEU A 101 -5.17 16.14 -4.49
C LEU A 101 -4.65 17.31 -3.69
N VAL A 102 -5.22 18.51 -3.88
CA VAL A 102 -4.84 19.66 -3.06
C VAL A 102 -5.14 19.39 -1.60
N ALA A 103 -6.33 18.84 -1.33
CA ALA A 103 -6.74 18.61 0.04
C ALA A 103 -5.92 17.50 0.69
N LEU A 104 -5.62 16.44 -0.07
CA LEU A 104 -4.82 15.35 0.47
C LEU A 104 -3.42 15.83 0.82
N LYS A 105 -2.81 16.63 -0.05
CA LYS A 105 -1.49 17.15 0.23
C LYS A 105 -1.47 18.00 1.49
N ALA A 106 -2.52 18.79 1.72
CA ALA A 106 -2.57 19.58 2.95
C ALA A 106 -2.70 18.70 4.19
N ARG A 107 -3.38 17.55 4.07
CA ARG A 107 -3.48 16.66 5.21
C ARG A 107 -2.12 16.06 5.58
N TYR A 108 -1.32 15.72 4.58
CA TYR A 108 0.03 15.20 4.85
C TYR A 108 0.85 16.20 5.63
N GLU A 109 0.81 17.48 5.23
CA GLU A 109 1.54 18.50 5.95
C GLU A 109 0.97 18.75 7.35
N ALA A 110 -0.28 18.33 7.60
CA ALA A 110 -0.87 18.46 8.92
C ALA A 110 -0.24 17.51 9.93
N ALA A 111 0.40 16.44 9.47
CA ALA A 111 1.10 15.51 10.34
C ALA A 111 2.60 15.81 10.41
N GLY A 112 3.05 16.87 9.75
CA GLY A 112 4.45 17.24 9.75
C GLY A 112 5.26 16.56 8.67
N PHE A 113 4.76 16.59 7.43
CA PHE A 113 5.44 15.95 6.32
C PHE A 113 5.25 16.79 5.06
N ALA A 114 6.34 17.21 4.46
CA ALA A 114 6.31 18.00 3.25
C ALA A 114 6.17 17.06 2.07
N VAL A 115 4.98 17.04 1.46
CA VAL A 115 4.77 16.19 0.29
C VAL A 115 5.60 16.72 -0.87
N SER A 116 6.41 15.84 -1.46
CA SER A 116 7.21 16.22 -2.61
C SER A 116 6.33 16.35 -3.85
N ASP A 117 6.66 17.33 -4.69
CA ASP A 117 5.95 17.50 -5.96
C ASP A 117 6.56 16.63 -7.05
N HIS A 118 6.84 15.37 -6.73
CA HIS A 118 7.29 14.39 -7.71
C HIS A 118 6.45 13.11 -7.71
N GLU A 119 5.63 12.87 -6.69
CA GLU A 119 4.66 11.80 -6.72
C GLU A 119 3.31 12.35 -6.34
N LEU A 120 2.27 11.74 -6.87
CA LEU A 120 0.93 12.18 -6.55
C LEU A 120 0.55 11.72 -5.15
N PRO A 121 -0.11 12.58 -4.36
CA PRO A 121 -0.45 12.20 -2.99
C PRO A 121 -1.43 11.05 -2.87
N ASP A 122 -2.19 10.75 -3.92
CA ASP A 122 -3.14 9.65 -3.86
C ASP A 122 -2.53 8.30 -4.21
N TYR A 123 -1.21 8.24 -4.40
CA TYR A 123 -0.55 7.00 -4.76
C TYR A 123 -0.47 6.10 -3.54
N LEU A 124 -1.09 4.92 -3.61
CA LEU A 124 -1.23 4.08 -2.43
C LEU A 124 0.10 3.77 -1.76
N PRO A 125 1.15 3.32 -2.45
CA PRO A 125 2.40 3.05 -1.74
C PRO A 125 2.94 4.27 -1.03
N LEU A 126 2.74 5.47 -1.59
CA LEU A 126 3.15 6.68 -0.91
C LEU A 126 2.35 6.89 0.36
N MET A 127 1.02 6.81 0.26
CA MET A 127 0.17 6.97 1.44
C MET A 127 0.53 5.97 2.53
N LEU A 128 0.78 4.71 2.15
CA LEU A 128 1.16 3.71 3.13
C LEU A 128 2.44 4.08 3.85
N GLU A 129 3.44 4.54 3.08
CA GLU A 129 4.70 4.96 3.69
C GLU A 129 4.49 6.11 4.66
N TRP A 130 3.62 7.06 4.31
CA TRP A 130 3.32 8.16 5.20
C TRP A 130 2.71 7.68 6.51
N MET A 131 1.82 6.68 6.43
CA MET A 131 1.15 6.18 7.63
C MET A 131 2.13 5.50 8.59
N ALA A 132 3.22 4.94 8.08
CA ALA A 132 4.24 4.38 8.94
C ALA A 132 4.99 5.42 9.74
N TYR A 133 4.97 6.68 9.30
CA TYR A 133 5.65 7.76 10.00
C TYR A 133 4.73 8.66 10.81
N ALA A 134 3.43 8.63 10.55
CA ALA A 134 2.50 9.58 11.15
C ALA A 134 1.93 9.03 12.45
N ASP A 135 1.51 9.95 13.31
CA ASP A 135 0.89 9.58 14.57
C ASP A 135 -0.42 8.82 14.33
N GLN A 136 -0.79 7.99 15.31
CA GLN A 136 -2.01 7.21 15.21
C GLN A 136 -3.21 8.11 14.89
N GLU A 137 -3.28 9.28 15.51
CA GLU A 137 -4.41 10.17 15.29
C GLU A 137 -4.53 10.55 13.82
N HIS A 138 -3.43 11.04 13.23
CA HIS A 138 -3.48 11.44 11.82
C HIS A 138 -3.66 10.25 10.90
N THR A 139 -2.99 9.14 11.19
CA THR A 139 -3.15 7.95 10.38
C THR A 139 -4.59 7.45 10.40
N THR A 140 -5.21 7.44 11.58
CA THR A 140 -6.58 6.94 11.68
C THR A 140 -7.55 7.87 10.97
N ALA A 141 -7.37 9.18 11.11
CA ALA A 141 -8.25 10.13 10.42
C ALA A 141 -8.16 9.93 8.92
N LEU A 142 -6.96 9.78 8.39
CA LEU A 142 -6.81 9.51 6.96
C LEU A 142 -7.47 8.19 6.59
N LEU A 143 -7.26 7.15 7.41
CA LEU A 143 -7.83 5.83 7.12
C LEU A 143 -9.34 5.88 7.02
N ALA A 144 -9.99 6.55 7.97
CA ALA A 144 -11.45 6.66 7.95
C ALA A 144 -11.96 7.17 6.62
N ASP A 145 -11.18 8.02 5.95
CA ASP A 145 -11.60 8.56 4.66
C ASP A 145 -11.26 7.65 3.49
N TYR A 146 -10.11 6.97 3.51
CA TYR A 146 -9.64 6.24 2.35
C TYR A 146 -9.66 4.72 2.48
N ALA A 147 -9.97 4.18 3.67
CA ALA A 147 -10.03 2.73 3.82
C ALA A 147 -10.92 2.09 2.78
N GLY A 148 -12.06 2.71 2.48
CA GLY A 148 -12.96 2.16 1.48
C GLY A 148 -12.32 2.06 0.11
N HIS A 149 -11.59 3.11 -0.30
CA HIS A 149 -10.84 3.06 -1.54
C HIS A 149 -9.88 1.88 -1.55
N ILE A 150 -9.14 1.71 -0.45
CA ILE A 150 -8.12 0.68 -0.38
C ILE A 150 -8.74 -0.70 -0.43
N ARG A 151 -9.80 -0.92 0.36
CA ARG A 151 -10.46 -2.23 0.36
C ARG A 151 -11.00 -2.59 -1.02
N GLU A 152 -11.52 -1.61 -1.75
CA GLU A 152 -12.07 -1.91 -3.06
C GLU A 152 -11.00 -2.36 -4.04
N ILE A 153 -9.80 -1.77 -3.94
CA ILE A 153 -8.67 -2.22 -4.74
C ILE A 153 -8.36 -3.67 -4.45
N GLY A 154 -8.39 -4.05 -3.16
CA GLY A 154 -8.18 -5.44 -2.81
C GLY A 154 -9.24 -6.35 -3.39
N ASP A 155 -10.52 -5.95 -3.26
CA ASP A 155 -11.60 -6.78 -3.78
C ASP A 155 -11.51 -6.93 -5.29
N ARG A 156 -11.05 -5.89 -5.98
CA ARG A 156 -10.86 -6.02 -7.42
C ARG A 156 -9.70 -6.95 -7.73
N LEU A 157 -8.59 -6.78 -7.01
CA LEU A 157 -7.47 -7.70 -7.16
C LEU A 157 -7.88 -9.13 -6.81
N ALA A 158 -8.64 -9.30 -5.73
CA ALA A 158 -9.08 -10.63 -5.34
C ALA A 158 -10.00 -11.24 -6.39
N ALA A 159 -10.89 -10.42 -6.97
CA ALA A 159 -11.77 -10.88 -8.03
C ALA A 159 -11.03 -11.21 -9.31
N ALA A 160 -9.83 -10.64 -9.51
CA ALA A 160 -8.99 -10.96 -10.65
C ALA A 160 -8.01 -12.08 -10.35
N GLY A 161 -8.05 -12.66 -9.16
CA GLY A 161 -7.12 -13.73 -8.80
C GLY A 161 -5.68 -13.29 -8.78
N SER A 162 -5.40 -12.07 -8.32
CA SER A 162 -4.02 -11.60 -8.27
C SER A 162 -3.39 -11.95 -6.92
N PRO A 163 -2.15 -12.45 -6.94
CA PRO A 163 -1.43 -12.68 -5.68
C PRO A 163 -1.28 -11.43 -4.84
N TYR A 164 -1.34 -10.24 -5.45
CA TYR A 164 -1.24 -8.99 -4.70
C TYR A 164 -2.42 -8.76 -3.78
N ALA A 165 -3.54 -9.45 -3.99
CA ALA A 165 -4.69 -9.24 -3.12
C ALA A 165 -4.42 -9.64 -1.68
N GLN A 166 -3.47 -10.55 -1.46
CA GLN A 166 -3.16 -10.99 -0.09
C GLN A 166 -2.67 -9.83 0.75
N LEU A 167 -1.87 -8.93 0.16
CA LEU A 167 -1.41 -7.75 0.89
C LEU A 167 -2.58 -6.98 1.46
N PHE A 168 -3.68 -6.92 0.74
CA PHE A 168 -4.85 -6.17 1.20
C PHE A 168 -5.57 -6.89 2.33
N ASP A 169 -5.56 -8.22 2.34
CA ASP A 169 -6.04 -8.95 3.51
C ASP A 169 -5.31 -8.49 4.76
N ALA A 170 -4.00 -8.29 4.66
CA ALA A 170 -3.24 -7.80 5.80
C ALA A 170 -3.58 -6.34 6.12
N LEU A 171 -3.78 -5.51 5.10
CA LEU A 171 -4.22 -4.14 5.38
C LEU A 171 -5.57 -4.13 6.11
N ASN A 172 -6.49 -5.00 5.71
CA ASN A 172 -7.77 -5.10 6.39
C ASN A 172 -7.57 -5.30 7.89
N HIS A 173 -6.90 -6.39 8.26
CA HIS A 173 -6.69 -6.70 9.67
C HIS A 173 -5.99 -5.55 10.39
N THR A 174 -5.00 -4.93 9.74
CA THR A 174 -4.33 -3.80 10.35
C THR A 174 -5.30 -2.65 10.59
N PHE A 175 -6.18 -2.39 9.61
CA PHE A 175 -7.11 -1.28 9.72
C PHE A 175 -8.12 -1.51 10.83
N THR A 176 -8.73 -2.69 10.86
CA THR A 176 -9.68 -3.00 11.92
C THR A 176 -9.03 -2.91 13.29
N GLN A 177 -7.73 -3.21 13.36
CA GLN A 177 -7.01 -3.04 14.62
C GLN A 177 -6.88 -1.58 15.02
N LEU A 178 -6.79 -0.67 14.04
CA LEU A 178 -6.75 0.74 14.36
C LEU A 178 -8.12 1.35 14.61
N GLY A 179 -9.19 0.57 14.44
CA GLY A 179 -10.54 1.05 14.61
C GLY A 179 -11.33 1.34 13.34
N VAL A 180 -10.96 0.75 12.21
CA VAL A 180 -11.59 1.04 10.92
C VAL A 180 -12.14 -0.29 10.39
N THR A 181 -13.42 -0.54 10.65
CA THR A 181 -14.13 -1.69 10.12
C THR A 181 -15.01 -1.26 8.95
N PRO A 182 -15.18 -2.12 7.93
CA PRO A 182 -16.03 -1.79 6.78
C PRO A 182 -17.53 -1.84 7.10
#